data_7ARQ
#
_entry.id   7ARQ
#
_cell.length_a   1.00
_cell.length_b   1.00
_cell.length_c   1.00
_cell.angle_alpha   90.00
_cell.angle_beta   90.00
_cell.angle_gamma   90.00
#
_symmetry.space_group_name_H-M   'P 1'
#
loop_
_entity.id
_entity.type
_entity.pdbx_description
1 polymer 'SCAFFOLD STRAND'
2 polymer 'STAPLE STRAND'
3 polymer 'STAPLE STRAND'
4 polymer 'STAPLE STRAND'
5 polymer 'STAPLE STRAND'
6 polymer 'STAPLE STRAND'
7 polymer 'STAPLE STRAND'
8 polymer 'STAPLE STRAND'
9 polymer 'STAPLE STRAND'
10 polymer 'STAPLE STRAND'
11 polymer 'STAPLE STRAND'
12 polymer 'STAPLE STRAND'
13 polymer 'STAPLE STRAND'
14 polymer 'STAPLE STRAND'
15 polymer 'STAPLE STRAND'
16 polymer 'STAPLE STRAND'
17 polymer 'STAPLE STRAND'
18 polymer 'STAPLE STRAND'
19 polymer 'STAPLE STRAND'
20 polymer 'STAPLE STRAND'
21 polymer 'STAPLE STRAND'
22 polymer 'STAPLE STRAND'
23 polymer 'STAPLE STRAND'
24 polymer 'STAPLE STRAND'
25 polymer 'STAPLE STRAND'
26 polymer 'STAPLE STRAND'
27 polymer 'STAPLE STRAND'
28 polymer 'STAPLE STRAND'
29 polymer 'STAPLE STRAND'
30 polymer 'STAPLE STRAND'
31 polymer 'STAPLE STRAND'
32 polymer 'STAPLE STRAND'
33 polymer 'STAPLE STRAND'
34 polymer 'STAPLE STRAND'
35 polymer 'STAPLE STRAND'
36 polymer 'STAPLE STRAND'
37 polymer 'STAPLE STRAND'
#
loop_
_entity_poly.entity_id
_entity_poly.type
_entity_poly.pdbx_seq_one_letter_code
_entity_poly.pdbx_strand_id
1 'polydeoxyribonucleotide'
;(DA)(DC)(DC)(DA)(DA)(DC)(DT)(DT)(DC)(DC)(DC)(DG)(DT)(DC)(DC)(DG)(DA)(DC)(DG)(DG)
(DT)(DC)(DC)(DG)(DG)(DT)(DT)(DA)(DT)(DG)(DC)(DA)(DG)(DA)(DA)(DA)(DA)(DA)(DA)(DA)
(DC)(DC)(DA)(DT)(DG)(DG)(DG)(DT)(DT)(DG)(DG)(DG)(DA)(DA)(DG)(DC)(DT)(DT)(DC)(DC)
(DA)(DC)(DC)(DG)(DA)(DA)(DC)(DG)(DT)(DA)(DT)(DG)(DT)(DA)(DC)(DC)(DC)(DG)(DG)(DA)
(DA)(DG)(DA)(DC)(DG)(DG)(DT)(DG)(DC)(DT)(DC)(DT)(DG)(DA)(DA)(DA)(DG)(DG)(DT)(DG)
(DA)(DA)(DA)(DT)(DC)(DA)(DA)(DA)(DA)(DT)(DG)(DC)(DG)(DT)(DC)(DT)(DG)(DA)(DA)(DA)
(DC)(DT)(DG)(DA)(DA)(DA)(DG)(DA)(DC)(DG)(DG)(DT)(DG)(DG)(DT)(DC)(DA)(DC)(DT)(DA)
(DC)(DG)(DA)(DC)(DG)(DC)(DT)(DG)(DA)(DA)(DG)(DT)(DT)(DA)(DA)(DA)(DA)(DC)(DC)(DA)
(DC)(DC)(DT)(DA)(DC)(DA)(DT)(DG)(DG)(DC)(DT)(DA)(DA)(DA)(DA)(DA)(DA)(DC)(DC)(DG)
(DG)(DT)(DT)(DC)(DA)(DG)(DC)(DT)(DG)(DC)(DC)(DG)(DG)(DG)(DT)(DG)(DC)(DT)(DT)(DA)
(DC)(DA)(DA)(DA)(DA)(DC)(DC)(DG)(DA)(DC)(DA)(DT)(DC)(DA)(DA)(DA)(DC)(DT)(DG)(DG)
(DA)(DC)(DA)(DT)(DC)(DA)(DC)(DC)(DT)(DC)(DC)(DC)(DA)(DC)(DA)(DA)(DC)(DG)(DA)(DA)
(DG)(DA)(DC)(DT)(DA)(DC)(DA)(DC)(DC)(DA)(DT)(DC)(DG)(DT)(DT)(DG)(DA)(DA)(DC)(DA)
(DG)(DT)(DA)(DC)(DG)(DA)(DA)(DC)(DG)(DT)(DG)(DC)(DT)(DG)(DA)(DA)(DG)(DG)(DT)(DC)
(DG)(DT)(DC)(DA)(DC)(DT)(DC)(DC)(DA)(DC)(DC)(DG)(DG)(DT)(DG)(DC)(DT)(DT)(DA)(DA)
(DT)(DA)(DA)(DC)(DG)(DC)(DT)(DG)(DA)(DT)(DA)(DG)(DT)(DG)(DC)(DT)(DA)(DG)(DT)(DG)
(DT)(DA)(DG)(DA)(DT)(DC)(DG)(DC)(DT)(DA)(DC)(DT)(DA)(DG)(DA)(DG)(DC)(DC)(DA)(DG)
(DG)(DC)(DA)(DT)(DC)(DA)(DA)(DA)(DT)(DA)(DA)(DA)(DA)(DC)(DG)(DA)(DA)(DA)(DG)(DG)
(DC)(DT)(DC)(DA)(DG)(DT)(DC)(DG)(DA)(DA)(DA)(DG)(DA)(DC)(DT)(DG)(DG)(DG)(DC)(DC)
(DT)(DT)(DT)(DC)(DG)(DT)(DT)(DT)(DT)(DA)(DT)(DC)(DT)(DG)(DT)(DT)(DG)(DT)(DT)(DT)
(DG)(DT)(DC)(DG)(DG)(DT)(DG)(DA)(DA)(DC)(DG)(DC)(DT)(DC)(DT)(DC)(DT)(DA)(DC)(DT)
(DA)(DG)(DA)(DG)(DT)(DC)(DA)(DC)(DA)(DC)(DT)(DG)(DG)(DC)(DT)(DC)(DA)(DC)(DC)(DT)
(DT)(DC)(DG)(DG)(DG)(DT)(DG)(DG)(DG)(DC)(DC)(DT)(DT)(DT)(DC)(DT)(DG)(DC)(DG)(DT)
(DT)(DT)(DA)(DT)(DA)(DC)(DG)(DT)(DC)(DT)(DC)(DT)(DC)(DA)(DT)(DT)(DG)(DA)(DC)(DC)
(DG)(DG)(DG)(DA)(DG)(DC)(DG)(DC)(DC)(DC)(DT)(DG)(DT)(DA)(DG)(DC)(DG)(DG)(DC)(DG)
(DC)(DA)(DT)(DT)(DA)(DA)(DG)(DC)(DG)(DC)(DG)(DG)(DC)(DG)(DG)(DG)(DT)(DG)(DT)(DG)
(DG)(DT)(DG)(DG)(DT)(DT)(DA)(DC)(DG)(DC)(DG)(DC)(DA)(DG)(DC)(DG)(DT)(DG)(DA)(DC)
(DC)(DG)(DC)(DT)(DA)(DC)(DA)(DC)(DT)(DT)(DG)(DC)(DC)(DA)(DG)(DC)(DG)(DC)(DC)(DC)
(DT)(DA)(DG)(DC)(DG)(DC)(DC)(DC)(DG)(DC)(DT)(DC)(DC)(DC)(DG)(DG)(DG)(DA)(DT)(DC)
(DG)(DG)(DA)(DA)(DT)(DT)(DC)(DC)(DG)(DG)(DC)(DC)(DA)(DT)(DC)(DG)(DC)(DC)(DC)(DT)
(DG)(DA)(DT)(DA)(DG)(DA)(DC)(DG)(DG)(DT)(DT)(DT)(DT)(DT)(DC)(DG)(DC)(DC)(DC)(DT)
(DT)(DT)(DG)(DA)(DC)(DG)(DT)(DT)(DG)(DG)(DA)(DG)(DT)(DC)(DC)(DA)(DC)(DG)(DT)(DT)
(DC)(DT)(DT)(DT)(DA)(DA)(DT)(DA)(DG)(DT)(DG)(DG)(DA)(DC)(DT)(DC)(DT)(DT)(DG)(DT)
(DT)(DC)(DC)(DA)(DA)(DA)(DC)(DT)(DG)(DG)(DA)(DA)(DC)(DA)(DA)(DC)(DA)(DC)(DT)(DC)
(DA)(DA)(DC)(DC)(DC)(DT)(DA)(DT)(DC)(DT)(DC)(DG)(DG)(DG)(DC)(DA)(DA)(DG)(DC)(DT)
(DT)(DG)(DT)(DC)(DA)(DC)(DA)(DG)(DA)(DG)(DA)(DC)(DG)(DC)(DA)(DA)(DT)(DA)(DC)(DG)
(DC)(DA)(DA)(DA)(DC)(DC)(DG)(DC)(DC)(DT)(DC)(DT)(DC)(DC)(DC)(DC)(DG)(DC)(DG)(DC)
(DG)(DT)(DT)(DG)(DG)(DC)(DC)(DG)(DA)(DT)(DT)(DC)(DA)(DT)(DT)(DA)(DA)(DT)(DG)(DC)
(DA)(DG)(DC)(DT)(DG)(DG)(DC)(DA)(DC)(DG)(DA)(DC)(DA)(DG)(DG)(DT)(DT)(DT)(DC)(DC)
(DC)(DG)(DA)(DC)(DT)(DG)(DG)(DA)(DA)(DA)(DG)(DC)(DG)(DG)(DG)(DC)(DA)(DG)(DT)(DG)
(DA)(DG)(DC)(DG)(DC)(DA)(DA)(DC)(DG)(DC)(DA)(DA)(DT)(DT)(DA)(DA)(DT)(DG)(DT)(DG)
(DA)(DG)(DT)(DT)(DA)(DG)(DC)(DT)(DC)(DA)(DC)(DT)(DC)(DA)(DT)(DT)(DA)(DG)(DG)(DC)
(DA)(DC)(DC)(DC)(DC)(DA)(DG)(DG)(DC)(DT)(DT)(DT)(DA)(DC)(DA)(DC)(DT)(DT)(DT)(DA)
(DT)(DG)(DC)(DT)(DT)(DC)(DC)(DG)(DG)(DC)(DT)(DC)(DG)(DT)(DA)(DT)(DG)(DT)(DT)(DG)
(DT)(DG)(DT)(DG)(DG)(DA)(DA)(DT)(DT)(DG)(DT)(DG)(DA)(DG)(DC)(DG)(DG)(DA)(DT)(DA)
(DA)(DC)(DA)(DA)(DT)(DT)(DT)(DC)(DA)(DC)(DA)(DC)(DA)(DT)(DA)(DC)(DT)(DA)(DG)(DA)
(DG)(DA)(DA)(DA)(DG)(DA)(DG)(DG)(DA)(DG)(DA)(DA)(DA)(DT)(DA)(DC)(DT)(DA)(DG)(DA)
(DT)(DG)(DG)(DC)(DT)(DT)(DC)(DC)(DT)(DC)(DC)(DG)(DA)(DA)(DG)(DA)(DC)(DG)(DT)(DT)
(DA)(DT)(DC)(DA)(DA)(DA)(DG)(DA)(DG)(DT)(DT)(DC)(DA)(DT)(DG)(DC)(DG)(DT)(DT)(DT)
(DC)(DA)(DA)(DA)(DG)(DT)(DT)(DC)(DG)(DT)(DA)(DT)(DG)(DG)(DA)(DA)(DG)(DG)(DT)(DT)
(DC)(DC)(DG)(DT)(DT)(DA)(DA)(DC)(DG)(DG)(DT)(DC)(DA)(DC)(DG)(DA)(DG)(DT)(DT)(DC)
(DG)(DA)(DA)(DA)(DT)(DC)(DG)(DA)(DA)(DG)(DG)(DT)(DG)(DA)(DA)(DG)(DG)(DT)(DG)(DA)
(DA)(DG)(DG)(DT)(DC)(DG)(DT)(DC)(DC)(DG)(DT)(DA)(DC)(DG)(DA)(DA)(DG)(DG)(DT)(DA)
(DC)(DC)(DC)(DA)(DG)(DA)(DC)(DC)(DG)(DC)(DT)(DA)(DA)(DA)(DC)(DT)(DG)(DA)(DA)(DA)
(DG)(DT)(DT)(DA)(DC)(DC)(DA)(DA)(DA)(DG)(DG)(DT)(DG)(DG)(DT)(DC)(DC)(DG)(DC)(DT)
(DG)(DC)(DC)(DG)(DT)(DT)(DC)(DG)(DC)(DT)(DT)(DG)(DG)(DG)(DA)(DC)(DA)(DT)(DC)(DC)
(DT)(DG)(DT)(DC)(DC)(DC)(DC)(DG)(DC)(DA)(DG)(DT)(DT)(DC)(DC)(DA)(DG)(DT)(DA)(DC)
(DG)(DG)(DT)(DT)(DC)(DC)(DA)(DA)(DA)(DG)(DC)(DT)(DT)(DA)(DC)(DG)(DT)(DT)(DA)(DA)
(DA)(DC)(DA)(DC)(DC)(DC)(DG)(DG)(DC)(DT)(DG)(DA)(DC)(DA)(DT)(DC)(DC)(DC)(DG)(DG)
(DA)(DC)(DT)(DA)(DC)(DC)(DT)(DG)(DA)(DA)(DA)(DC)(DT)(DG)(DT)(DC)(DC)(DT)(DT)(DC)
(DC)(DC)(DG)(DG)(DA)(DA)(DG)(DG)(DT)(DT)(DT)(DC)(DA)(DA)(DA)(DT)(DG)(DG)(DG)(DA)
(DA)(DC)(DG)(DT)(DG)(DT)(DT)(DA)(DT)(DG)(DA)(DA)(DC)(DT)(DT)(DC)(DG)(DA)(DA)(DG)
(DA)(DC)(DG)(DG)(DT)(DG)(DG)(DT)(DG)(DT)(DT)(DG)(DT)(DT)(DA)(DC)(DC)(DG)(DT)(DT)
(DA)(DC)(DC)(DC)(DA)(DG)(DG)(DA)(DC)(DT)(DC)(DC)(DT)(DC)(DC)(DC)(DT)(DG)(DC)(DA)
(DA)(DG)(DA)(DC)(DG)(DG)(DT)(DG)(DA)(DG)(DT)(DT)(DC)(DA)(DT)(DC)(DT)(DA)(DC)(DA)
(DA)(DA)(DG)(DT)(DT)(DA)(DA)(DA)(DC)(DT)(DG)(DC)(DG)(DT)(DG)(DG)(DT)
;
AA
2 'polydeoxyribonucleotide'
;(DC)(DG)(DT)(DC)(DA)(DA)(DA)(DG)(DG)(DA)(DA)(DC)(DG)(DC)(DG)(DC)(DG)(DG)(DG)(DG)
(DA)(DG)(DC)(DT)(DT)(DG)(DC)(DC)(DC)(DG)(DA)(DG)(DA)(DT)(DA)(DC)(DT)(DC)(DT)(DA)
(DG)(DT)(DA)(DG)(DC)(DT)(DT)(DT)(DG)
;
AB
3 'polydeoxyribonucleotide'
;(DA)(DC)(DT)(DC)(DC)(DA)(DA)(DG)(DT)(DG)(DT)(DT)(DG)(DT)(DT)(DC)(DC)(DA)(DG)(DT)
(DT)(DG)(DT)(DC)(DT)(DG)(DG)(DG)(DA)(DC)(DT)(DG)(DC)(DG)(DG)(DG)(DT)(DG)(DT)(DA)
(DG)(DT)
;
AC
4 'polydeoxyribonucleotide'
;(DC)(DC)(DA)(DC)(DT)(DA)(DT)(DT)(DA)(DA)(DA)(DG)(DA)(DA)(DC)(DG)(DT)(DG)(DG)(DT)
(DC)(DA)(DG)(DG)(DG)(DC)(DT)(DA)(DT)(DC)(DC)(DG)(DG)
;
AD
5 'polydeoxyribonucleotide'
;(DT)(DG)(DC)(DG)(DT)(DC)(DT)(DC)(DT)(DT)(DA)(DT)(DC)(DC)(DG)(DG)(DT)(DG)(DC)(DC)
(DT)(DA)(DA)(DC)(DA)(DG)(DA)
;
AE
6 'polydeoxyribonucleotide'
;(DC)(DG)(DA)(DA)(DC)(DT)(DC)(DA)(DC)(DA)(DT)(DT)(DA)(DA)(DC)(DT)(DG)(DC)(DA)(DT)
(DT)(DA)(DA)(DT)(DG)(DA)(DA)(DT)(DC)(DG)(DG)(DC)(DC)(DG)(DC)
;
AF
7 'polydeoxyribonucleotide'
;(DT)(DG)(DT)(DT)(DT)(DA)(DA)(DT)(DT)(DC)(DC)(DG)(DG)(DG)(DG)(DA)(DG)(DA)(DC)(DG)
(DT)(DA)(DT)(DA)(DA)(DA)(DC)(DG)(DC)(DA)(DG)(DA)(DA)(DG)(DG)(DT)(DC)(DC)(DC)(DA)
(DT)(DT)(DT)(DG)(DA)(DA)(DA)(DC)(DC)
;
AG
8 'polydeoxyribonucleotide'
;(DG)(DA)(DT)(DG)(DT)(DC)(DA)(DT)(DA)(DC)(DT)(DG)(DG)(DA)(DT)(DA)(DC)(DC)(DT)(DT)
(DC)(DG)(DT)(DA)(DC)(DG)(DT)(DG)(DG)(DG)(DT)(DT)(DG)(DA)
;
AH
9 'polydeoxyribonucleotide'
;(DC)(DA)(DA)(DG)(DT)(DG)(DG)(DA)(DT)(DG)(DG)(DC)(DC)(DG)(DG)(DA)(DA)(DT)(DT)(DC)
(DC)(DG)(DA)(DT)(DC)(DC)(DC)(DG)(DG)(DG)(DA)(DT)(DT)(DT)
;
AI
10 'polydeoxyribonucleotide'
;(DT)(DT)(DT)(DG)(DC)(DG)(DG)(DG)(DC)(DG)(DC)(DT)(DA)(DG)(DG)(DG)(DT)(DA)(DA)(DC)
(DC)(DA)(DC)(DC)(DA)(DC)(DA)(DT)(DT)(DT)
;
AJ
11 'polydeoxyribonucleotide'
;(DT)(DT)(DT)(DC)(DC)(DA)(DG)(DT)(DC)(DG)(DG)(DG)(DA)(DA)(DA)(DC)(DC)(DT)(DG)(DT)
(DC)(DG)(DT)(DG)(DC)(DC)(DA)(DG)(DT)(DT)(DG)(DC)(DG)(DT)(DA)(DC)(DA)(DC)(DG)(DT)
(DA)(DG)(DT)(DC)(DC)(DT)
;
AK
12 'polydeoxyribonucleotide'
;(DG)(DG)(DG)(DT)(DA)(DA)(DC)(DA)(DC)(DC)(DG)(DT)(DC)(DT)(DT)(DA)(DA)(DA)(DA)(DC)
(DG)(DT)(DT)(DA)(DT)(DT)(DT)(DG)(DA)(DT)(DG)(DC)(DC)(DT)(DG)(DG)(DT)(DA)(DC)(DA)
(DT)(DA)(DC)(DG)(DT)(DT)
;
AL
13 'polydeoxyribonucleotide'
;(DT)(DT)(DT)(DC)(DC)(DC)(DG)(DC)(DC)(DG)(DC)(DG)(DC)(DT)(DT)(DA)(DA)(DT)(DG)(DC)
(DG)(DC)(DA)(DG)(DT)(DT)(DT)(DG)(DA)(DT)(DG)(DT)(DC)(DG)(DG)(DT)(DT)(DT)(DT)(DG)
(DT)(DT)(DT)(DT)
;
AM
14 'polydeoxyribonucleotide'
;(DT)(DT)(DT)(DA)(DC)(DC)(DG)(DT)(DC)(DT)(DT)(DC)(DG)(DA)(DA)(DG)(DT)(DT)(DC)(DA)
(DT)(DA)(DT)(DG)(DC)(DG)(DC)(DT)(DC)
;
AN
15 'polydeoxyribonucleotide'
;(DA)(DA)(DG)(DG)(DA)(DC)(DA)(DG)(DT)(DT)(DT)(DC)(DA)(DG)(DG)(DT)(DA)(DG)(DG)(DC)
(DA)(DG)(DG)(DG)(DC)(DG)(DC)(DT)(DC)(DC)(DC)(DG)(DG)(DT)(DC)(DA)(DA)(DT)(DG)(DA)
;
AO
16 'polydeoxyribonucleotide'
;(DG)(DG)(DT)(DC)(DA)(DC)(DG)(DC)(DT)(DG)(DC)(DG)(DC)(DG)(DC)(DG)(DC)(DT)(DG)(DG)
(DG)(DA)(DT)(DG)(DT)(DC)(DC)(DT)(DT)(DT)(DC)(DA)(DG)(DT)(DT)(DC)(DG)(DA)(DA)(DC)
(DT)(DC)(DG)
;
AP
17 'polydeoxyribonucleotide'
;(DT)(DT)(DT)(DA)(DA)(DG)(DC)(DA)(DC)(DC)(DC)(DG)(DG)(DC)(DA)(DG)(DC)(DT)(DG)(DA)
(DA)(DC)(DC)(DG)(DG)(DT)(DT)(DT)(DA)(DT)(DG)(DT)(DC)(DC)(DC)(DG)(DC)(DT)(DA)(DC)
;
AQ
18 'polydeoxyribonucleotide'
;(DT)(DT)(DT)(DG)(DT)(DA)(DG)(DA)(DT)(DG)(DA)(DA)(DC)(DT)(DC)(DG)(DG)(DT)(DA)(DA)
(DC)(DA)(DA)(DC)(DA)(DC)(DC)(DT)(DT)(DT)
;
AR
19 'polydeoxyribonucleotide'
;(DT)(DG)(DC)(DA)(DG)(DG)(DA)(DG)(DT)(DT)(DG)(DG)(DT)(DA)(DC)(DC)(DA)(DC)(DG)(DC)
(DA)(DG)(DT)(DT)(DT)(DA)(DA)(DC)(DT)(DT)(DT)(DT)(DT)(DT)
;
AS
20 'polydeoxyribonucleotide'
;(DC)(DC)(DA)(DG)(DT)(DG)(DT)(DG)(DT)(DT)(DG)(DT)(DG)(DG)(DG)(DA)(DG)(DG)(DT)(DG)
(DT)(DT)(DT)(DA)(DG)(DC)(DC)(DA)(DT)(DG)(DT)(DA)(DG)(DG)(DT)(DG)(DG)(DT)(DT)(DA)
;
AT
21 'polydeoxyribonucleotide'
;(DG)(DA)(DG)(DG)(DA)(DA)(DG)(DC)(DC)(DA)(DT)(DC)(DA)(DA)(DA)(DT)(DT)(DG)(DT)(DG)
(DT)(DG)(DA)(DC)(DA)(DA)(DG)(DA)(DG)(DG)(DC)(DG)(DG)(DT)(DT)(DT)(DG)(DC)(DG)(DT)
(DA)(DT)
;
AU
22 'polydeoxyribonucleotide'
;(DC)(DT)(DT)(DC)(DC)(DA)(DT)(DG)(DT)(DT)(DA)(DT)(DT)(DA)(DT)(DC)(DA)(DG)(DA)(DC)
(DG)(DT)(DC)(DG)(DT)(DA)(DG)(DT)(DG)(DA)(DC)(DC)(DA)(DC)(DC)(DG)(DT)
;
AV
23 'polydeoxyribonucleotide'
;(DT)(DG)(DA)(DC)(DC)(DG)(DT)(DT)(DA)(DA)(DC)(DG)(DG)(DA)(DA)(DC)(DT)(DT)(DC)(DG)
(DA)(DT)(DT)(DT)(DT)(DA)(DG)(DC)(DG)(DT)(DG)(DG)(DA)(DA)(DC)(DA)(DA)(DG)(DA)(DG)
(DT)
;
AW
24 'polydeoxyribonucleotide'
;(DG)(DT)(DT)(DC)(DA)(DC)(DC)(DG)(DT)(DA)(DG)(DC)(DG)(DA)(DC)(DT)(DC)(DT)(DT)(DT)
(DG)(DA)(DT)(DA)(DA)(DC)(DG)(DT)(DC)(DT)(DT)(DC)(DG)
;
AX
25 'polydeoxyribonucleotide'
;(DA)(DG)(DA)(DG)(DA)(DG)(DC)(DA)(DG)(DG)(DT)(DG)(DA)(DG)(DT)(DA)(DA)(DC)(DC)(DG)
(DG)(DA)(DC)(DC)(DG)(DT)(DC)(DG)(DC)(DA)(DT)(DG)(DG)(DT)(DT)
;
AY
26 'polydeoxyribonucleotide'
;(DT)(DC)(DT)(DA)(DG)(DT)(DG)(DA)(DA)(DC)(DC)(DG)(DG)(DC)(DC)(DG)(DG)(DG)(DG)(DA)
(DA)(DA)(DA)(DA)(DC)(DC)(DG)(DT)(DC)(DT)(DA)
;
AZ
27 'polydeoxyribonucleotide'
;(DC)(DT)(DT)(DC)(DG)(DA)(DC)(DT)(DA)(DT)(DC)(DA)(DG)(DC)(DA)(DC)(DG)(DA)(DA)(DC)
(DT)(DT)(DT)(DG)(DA)(DA)(DA)(DC)(DT)(DT)(DG)(DA)(DC)(DG)(DA)(DC)(DC)(DT)(DT)(DC)
(DA)(DC)(DC)(DT)(DT)(DC)(DA)(DC)(DC)
;
Aa
28 'polydeoxyribonucleotide'
;(DT)(DT)(DT)(DA)(DC)(DG)(DT)(DT)(DC)(DG)(DT)(DA)(DC)(DT)(DG)(DT)(DT)(DC)(DA)(DG)
(DG)(DT)(DG)(DG)(DA)(DG)(DT)(DG)(DA)(DC)(DG)(DA)(DC)(DC)(DT)(DT)(DT)(DT)
;
Ab
29 'polydeoxyribonucleotide'
;(DT)(DT)(DT)(DG)(DA)(DC)(DT)(DG)(DA)(DG)(DC)(DC)(DT)(DT)(DT)(DC)(DG)(DT)(DT)(DA)
(DA)(DA)(DG)(DG)(DC)(DC)(DG)(DT)(DG)(DT)(DA)(DA)(DA)(DA)(DC)(DT)(DG)(DC)(DC)(DC)
(DG)(DC)(DT)(DT)(DT)(DT)(DT)(DT)
;
Ac
30 'polydeoxyribonucleotide'
;(DT)(DT)(DT)(DG)(DA)(DC)(DC)(DA)(DC)(DC)(DT)(DT)(DT)(DG)(DG)(DT)(DA)(DA)(DC)(DC)
(DA)(DA)(DG)(DC)(DG)(DA)(DA)(DC)(DG)(DG)(DC)(DA)(DG)(DC)(DG)(DT)(DT)(DT)
;
Ad
31 'polydeoxyribonucleotide'
;(DT)(DT)(DT)(DC)(DG)(DG)(DA)(DA)(DG)(DC)(DA)(DT)(DA)(DA)(DA)(DC)(DA)(DG)(DT)(DC)
(DT)(DT)(DT)(DC)(DT)(DT)(DT)
;
Ae
32 'polydeoxyribonucleotide'
;(DG)(DC)(DC)(DT)(DG)(DG)(DG)(DC)(DT)(DC)(DA)(DC)(DA)(DA)(DT)(DT)(DC)(DC)(DA)(DC)
(DA)(DC)(DA)(DA)(DC)(DA)(DT)(DA)(DC)(DG)(DA)(DG)(DC)(DT)(DT)(DT)
;
Af
33 'polydeoxyribonucleotide'
;(DG)(DA)(DG)(DC)(DT)(DT)(DA)(DA)(DT)(DG)(DT)(DG)(DT)(DG)(DT)(DA)(DG)(DT)(DA)(DT)
(DT)(DT)(DC)(DT)(DC)(DC)(DT)(DC)(DG)(DC)(DA)(DT)(DG)(DA)(DA)(DT)(DC)(DT)(DA)(DC)
(DA)(DC)
;
Ag
34 'polydeoxyribonucleotide'
;(DA)(DG)(DC)(DA)(DC)(DC)(DG)(DT)(DC)(DT)(DT)(DC)(DC)(DG)(DG)(DG)(DC)(DT)(DC)(DT)
(DA)(DG)(DA)(DC)(DA)(DA)(DA)(DC)(DA)(DA)(DT)(DG)(DA)(DG)(DT)
;
Ah
35 'polydeoxyribonucleotide'
;(DC)(DT)(DT)(DT)(DC)(DA)(DG)(DT)(DT)(DT)(DT)(DT)(DC)(DT)(DG)(DC)(DT)(DT)(DA)(DA)
(DC)(DT)(DT)(DC)(DA)(DG)(DC)(DG)(DC)(DA)(DT)(DT)(DT)(DT)(DG)(DA)(DT)(DT)(DT)(DC)
(DA)(DC)(DT)(DA)(DG)(DC)(DA)(DC)
;
Ai
36 'polydeoxyribonucleotide'
;(DC)(DT)(DT)(DT)(DC)(DA)(DG)(DT)(DT)(DA)(DG)(DC)(DA)(DC)(DC)(DA)(DC)(DG)(DA)(DT)
(DG)(DG)(DG)(DA)(DC)(DA)(DG)
;
Aj
37 'polydeoxyribonucleotide'
;(DC)(DG)(DG)(DT)(DG)(DG)(DA)(DA)(DG)(DC)(DT)(DT)(DC)(DC)(DC)(DA)(DA)(DC)(DC)(DG)
(DA)(DC)(DG)(DG)(DG)(DA)(DG)(DA)(DA)(DG)(DG)(DC)(DC)(DC)(DA)(DC)(DC)(DC)(DG)(DA)
;
Ak
#
loop_
_chem_comp.id
_chem_comp.type
_chem_comp.name
_chem_comp.formula
DA DNA linking 2'-DEOXYADENOSINE-5'-MONOPHOSPHATE 'C10 H14 N5 O6 P'
DC DNA linking 2'-DEOXYCYTIDINE-5'-MONOPHOSPHATE 'C9 H14 N3 O7 P'
DG DNA linking 2'-DEOXYGUANOSINE-5'-MONOPHOSPHATE 'C10 H14 N5 O7 P'
DT DNA linking THYMIDINE-5'-MONOPHOSPHATE 'C10 H15 N2 O8 P'
#